data_1FJ2
#
_entry.id   1FJ2
#
_cell.length_a   39.590
_cell.length_b   127.890
_cell.length_c   39.660
_cell.angle_alpha   90.00
_cell.angle_beta   102.80
_cell.angle_gamma   90.00
#
_symmetry.space_group_name_H-M   'P 1 21 1'
#
loop_
_entity.id
_entity.type
_entity.pdbx_description
1 polymer 'PROTEIN (ACYL PROTEIN THIOESTERASE 1)'
2 non-polymer 'BROMIDE ION'
3 water water
#
_entity_poly.entity_id   1
_entity_poly.type   'polypeptide(L)'
_entity_poly.pdbx_seq_one_letter_code
;GAMDPEFMSTPLPAIVPAARKATAAVIFLHGLGDTGHGWAEAFAGIRSSHIKYICPHAPVRPVTLNMNVAMPSWFDIIGL
SPDSQEDESGIKQAAENIKALIDQEVKNGIPSNRIILGGFSQGGALSLYTALTTQQKLAGVTALSCWLPLRASFPQGPIG
GANRDISILQCHGDCDPLVPLMFGSLTVEKLKTLVNPANVTFKTYEGMMHSSCQQEMMDVKQFIDKLLPPID
;
_entity_poly.pdbx_strand_id   A,B
#
loop_
_chem_comp.id
_chem_comp.type
_chem_comp.name
_chem_comp.formula
BR non-polymer 'BROMIDE ION' 'Br -1'
#
# COMPACT_ATOMS: atom_id res chain seq x y z
N MET A 3 -16.19 -13.56 -16.39
CA MET A 3 -15.33 -13.59 -15.20
C MET A 3 -15.94 -14.45 -14.10
N ASP A 4 -15.29 -15.53 -13.65
CA ASP A 4 -15.91 -16.58 -12.87
C ASP A 4 -16.35 -16.21 -11.46
N PRO A 5 -16.91 -17.19 -10.72
CA PRO A 5 -17.73 -16.93 -9.54
C PRO A 5 -17.04 -16.19 -8.42
N GLU A 6 -15.92 -16.66 -7.93
CA GLU A 6 -15.06 -15.92 -7.01
C GLU A 6 -14.76 -14.51 -7.54
N PHE A 7 -14.58 -14.37 -8.85
CA PHE A 7 -14.16 -13.07 -9.40
C PHE A 7 -15.34 -12.14 -9.58
N MET A 8 -16.61 -12.61 -9.61
CA MET A 8 -17.71 -11.64 -9.52
C MET A 8 -18.31 -11.48 -8.13
N SER A 9 -17.57 -11.87 -7.08
CA SER A 9 -17.96 -11.47 -5.73
C SER A 9 -17.65 -9.99 -5.51
N THR A 10 -16.75 -9.39 -6.28
CA THR A 10 -16.33 -8.02 -5.93
C THR A 10 -17.26 -6.99 -6.53
N PRO A 11 -17.19 -5.77 -6.07
CA PRO A 11 -17.77 -4.63 -6.78
C PRO A 11 -17.25 -4.50 -8.21
N LEU A 12 -17.91 -3.69 -9.01
CA LEU A 12 -17.39 -3.30 -10.31
C LEU A 12 -16.10 -2.47 -10.07
N PRO A 13 -15.32 -2.42 -11.12
CA PRO A 13 -14.01 -1.76 -10.98
C PRO A 13 -14.10 -0.31 -10.57
N ALA A 14 -13.04 0.16 -9.89
CA ALA A 14 -12.87 1.63 -9.72
C ALA A 14 -12.50 2.20 -11.05
N ILE A 15 -13.09 3.28 -11.51
CA ILE A 15 -12.92 3.71 -12.91
C ILE A 15 -12.60 5.22 -12.90
N VAL A 16 -11.62 5.65 -13.66
CA VAL A 16 -11.43 7.02 -14.11
C VAL A 16 -11.96 7.14 -15.53
N PRO A 17 -13.11 7.80 -15.73
CA PRO A 17 -13.68 7.91 -17.05
C PRO A 17 -12.84 8.79 -17.97
N ALA A 18 -12.99 8.54 -19.27
CA ALA A 18 -12.53 9.43 -20.29
C ALA A 18 -13.45 10.67 -20.35
N ALA A 19 -12.81 11.82 -20.44
CA ALA A 19 -13.52 13.09 -20.61
C ALA A 19 -14.15 13.17 -21.97
N ARG A 20 -13.37 12.88 -23.02
CA ARG A 20 -13.95 12.75 -24.37
C ARG A 20 -14.64 11.39 -24.43
N LYS A 21 -14.89 10.84 -25.61
CA LYS A 21 -15.33 9.44 -25.69
C LYS A 21 -14.10 8.53 -25.60
N ALA A 22 -14.18 7.39 -24.91
CA ALA A 22 -12.96 6.65 -24.65
C ALA A 22 -12.55 5.87 -25.89
N THR A 23 -11.38 6.02 -26.40
CA THR A 23 -10.90 5.33 -27.56
C THR A 23 -9.77 4.36 -27.19
N ALA A 24 -9.54 4.26 -25.88
CA ALA A 24 -8.49 3.36 -25.38
C ALA A 24 -8.78 3.15 -23.89
N ALA A 25 -8.07 2.17 -23.29
CA ALA A 25 -8.24 1.84 -21.88
C ALA A 25 -6.94 1.31 -21.28
N VAL A 26 -6.82 1.53 -19.99
CA VAL A 26 -5.77 0.99 -19.17
C VAL A 26 -6.44 0.14 -18.10
N ILE A 27 -6.13 -1.13 -18.00
CA ILE A 27 -6.61 -1.98 -16.92
C ILE A 27 -5.45 -2.18 -15.99
N PHE A 28 -5.62 -1.74 -14.73
CA PHE A 28 -4.48 -1.68 -13.79
C PHE A 28 -4.83 -2.51 -12.57
N LEU A 29 -4.00 -3.47 -12.25
CA LEU A 29 -4.25 -4.46 -11.22
C LEU A 29 -3.45 -4.20 -9.97
N HIS A 30 -4.13 -4.01 -8.85
CA HIS A 30 -3.43 -3.72 -7.61
C HIS A 30 -2.71 -4.94 -7.01
N GLY A 31 -1.90 -4.63 -6.00
CA GLY A 31 -1.12 -5.67 -5.32
C GLY A 31 -1.74 -6.02 -3.96
N LEU A 32 -1.03 -6.88 -3.22
CA LEU A 32 -1.54 -7.13 -1.84
C LEU A 32 -1.47 -5.88 -1.00
N GLY A 33 -2.58 -5.65 -0.31
CA GLY A 33 -2.79 -4.45 0.48
C GLY A 33 -3.30 -3.27 -0.30
N ASP A 34 -2.60 -2.83 -1.35
CA ASP A 34 -3.06 -1.53 -1.93
C ASP A 34 -4.36 -1.83 -2.59
N THR A 35 -5.15 -0.81 -2.98
CA THR A 35 -6.49 -1.09 -3.47
C THR A 35 -6.74 -0.54 -4.88
N GLY A 36 -7.78 -1.06 -5.54
CA GLY A 36 -8.29 -0.48 -6.76
C GLY A 36 -8.53 1.00 -6.65
N HIS A 37 -9.28 1.40 -5.56
CA HIS A 37 -9.53 2.83 -5.37
C HIS A 37 -8.31 3.71 -5.30
N GLY A 38 -7.32 3.27 -4.54
CA GLY A 38 -6.05 4.00 -4.41
C GLY A 38 -5.39 4.23 -5.76
N TRP A 39 -5.31 3.16 -6.56
CA TRP A 39 -4.76 3.35 -7.90
C TRP A 39 -5.66 4.23 -8.70
N ALA A 40 -6.99 4.15 -8.62
CA ALA A 40 -7.75 5.05 -9.51
C ALA A 40 -7.42 6.48 -9.16
N GLU A 41 -7.18 6.79 -7.87
CA GLU A 41 -6.89 8.19 -7.50
C GLU A 41 -5.52 8.58 -8.06
N ALA A 42 -4.58 7.62 -8.07
CA ALA A 42 -3.26 7.91 -8.66
C ALA A 42 -3.39 8.18 -10.15
N PHE A 43 -4.17 7.33 -10.86
CA PHE A 43 -4.29 7.50 -12.32
C PHE A 43 -5.09 8.71 -12.68
N ALA A 44 -6.03 9.19 -11.85
CA ALA A 44 -6.70 10.46 -12.12
C ALA A 44 -5.69 11.58 -12.33
N GLY A 45 -4.57 11.56 -11.61
CA GLY A 45 -3.54 12.57 -11.70
C GLY A 45 -2.81 12.59 -13.03
N ILE A 46 -2.86 11.50 -13.83
CA ILE A 46 -2.17 11.46 -15.12
C ILE A 46 -3.16 11.18 -16.24
N ARG A 47 -4.44 11.45 -16.04
CA ARG A 47 -5.47 10.90 -16.94
C ARG A 47 -5.43 11.59 -18.30
N SER A 48 -5.71 10.82 -19.35
CA SER A 48 -5.89 11.36 -20.68
C SER A 48 -7.33 11.49 -21.06
N SER A 49 -7.70 12.56 -21.77
CA SER A 49 -9.09 12.80 -22.16
C SER A 49 -9.73 11.66 -22.95
N HIS A 50 -8.99 10.81 -23.68
CA HIS A 50 -9.64 9.74 -24.39
C HIS A 50 -9.38 8.35 -23.85
N ILE A 51 -8.77 8.25 -22.67
CA ILE A 51 -8.49 6.92 -22.13
C ILE A 51 -9.34 6.69 -20.90
N LYS A 52 -9.89 5.49 -20.76
CA LYS A 52 -10.57 5.15 -19.49
C LYS A 52 -9.64 4.23 -18.69
N TYR A 53 -9.59 4.50 -17.41
CA TYR A 53 -8.68 3.73 -16.54
C TYR A 53 -9.52 2.83 -15.67
N ILE A 54 -9.25 1.52 -15.66
CA ILE A 54 -10.10 0.55 -15.02
C ILE A 54 -9.25 -0.17 -14.00
N CYS A 55 -9.61 -0.02 -12.73
CA CYS A 55 -8.89 -0.67 -11.64
C CYS A 55 -9.80 -1.68 -10.94
N PRO A 56 -9.82 -2.90 -11.40
CA PRO A 56 -10.69 -3.95 -10.88
C PRO A 56 -10.31 -4.32 -9.48
N HIS A 57 -11.25 -4.90 -8.73
CA HIS A 57 -11.04 -5.41 -7.40
C HIS A 57 -10.80 -6.90 -7.39
N ALA A 58 -9.96 -7.44 -6.58
CA ALA A 58 -9.65 -8.86 -6.48
C ALA A 58 -10.50 -9.51 -5.41
N PRO A 59 -10.93 -10.75 -5.61
CA PRO A 59 -11.66 -11.50 -4.60
C PRO A 59 -10.89 -11.52 -3.29
N VAL A 60 -11.63 -11.57 -2.20
CA VAL A 60 -11.12 -11.62 -0.84
C VAL A 60 -10.95 -13.05 -0.37
N ARG A 61 -9.76 -13.43 0.05
CA ARG A 61 -9.33 -14.84 0.27
C ARG A 61 -8.16 -14.79 1.24
N PRO A 62 -7.95 -15.78 2.12
CA PRO A 62 -6.74 -15.87 2.92
C PRO A 62 -5.47 -15.79 2.10
N VAL A 63 -4.47 -15.11 2.60
CA VAL A 63 -3.18 -14.96 1.92
C VAL A 63 -2.11 -15.51 2.84
N THR A 64 -1.35 -16.50 2.32
CA THR A 64 -0.46 -17.32 3.11
C THR A 64 0.62 -16.44 3.67
N LEU A 65 1.14 -15.48 2.85
CA LEU A 65 2.22 -14.61 3.26
C LEU A 65 1.87 -13.76 4.49
N ASN A 66 0.58 -13.42 4.56
CA ASN A 66 0.06 -12.51 5.59
C ASN A 66 -0.59 -13.33 6.69
N MET A 67 -0.03 -14.49 7.03
CA MET A 67 -0.52 -15.33 8.13
C MET A 67 -1.97 -15.72 7.96
N ASN A 68 -2.40 -15.90 6.71
CA ASN A 68 -3.69 -16.38 6.30
C ASN A 68 -4.85 -15.40 6.59
N VAL A 69 -4.50 -14.12 6.72
CA VAL A 69 -5.57 -13.13 6.80
C VAL A 69 -6.29 -12.98 5.47
N ALA A 70 -7.60 -12.84 5.54
CA ALA A 70 -8.41 -12.69 4.32
C ALA A 70 -8.29 -11.24 3.79
N MET A 71 -7.90 -11.14 2.51
CA MET A 71 -7.85 -9.78 1.91
C MET A 71 -7.96 -9.92 0.42
N PRO A 72 -8.28 -8.87 -0.30
CA PRO A 72 -8.32 -8.91 -1.75
C PRO A 72 -6.98 -9.42 -2.28
N SER A 73 -7.06 -10.40 -3.19
CA SER A 73 -5.83 -11.09 -3.65
C SER A 73 -6.11 -11.73 -4.99
N TRP A 74 -5.30 -11.47 -6.00
CA TRP A 74 -5.49 -12.04 -7.34
C TRP A 74 -5.18 -13.53 -7.28
N PHE A 75 -4.29 -13.91 -6.41
CA PHE A 75 -3.83 -15.28 -6.22
C PHE A 75 -3.01 -15.34 -4.93
N ASP A 76 -2.75 -16.54 -4.43
CA ASP A 76 -2.02 -16.62 -3.17
C ASP A 76 -0.57 -16.33 -3.39
N ILE A 77 0.04 -15.77 -2.33
CA ILE A 77 1.46 -15.59 -2.27
C ILE A 77 2.00 -16.31 -1.02
N ILE A 78 3.01 -17.11 -1.24
CA ILE A 78 3.53 -17.97 -0.16
C ILE A 78 4.76 -17.38 0.48
N GLY A 79 5.63 -16.85 -0.39
CA GLY A 79 6.80 -16.06 0.01
C GLY A 79 7.26 -15.20 -1.16
N LEU A 80 8.21 -14.29 -0.92
CA LEU A 80 8.76 -13.45 -1.98
C LEU A 80 10.28 -13.62 -2.00
N SER A 81 10.74 -14.87 -1.86
CA SER A 81 12.12 -15.14 -2.32
C SER A 81 12.07 -15.83 -3.65
N PRO A 82 13.21 -15.83 -4.38
CA PRO A 82 13.26 -16.24 -5.75
C PRO A 82 12.90 -17.71 -5.88
N ASP A 83 13.12 -18.43 -4.81
CA ASP A 83 12.87 -19.77 -4.50
C ASP A 83 11.45 -20.13 -4.08
N SER A 84 10.61 -19.12 -3.85
CA SER A 84 9.32 -19.41 -3.20
C SER A 84 8.42 -20.24 -4.10
N GLN A 85 7.62 -21.14 -3.54
CA GLN A 85 6.59 -21.84 -4.31
C GLN A 85 5.48 -20.89 -4.69
N GLU A 86 4.91 -21.05 -5.90
CA GLU A 86 3.95 -20.08 -6.43
C GLU A 86 2.60 -20.73 -6.61
N ASP A 87 1.56 -19.98 -6.53
CA ASP A 87 0.18 -20.48 -6.70
C ASP A 87 -0.16 -20.61 -8.18
N GLU A 88 0.31 -21.69 -8.79
CA GLU A 88 0.19 -21.83 -10.24
C GLU A 88 -1.24 -21.80 -10.69
N SER A 89 -2.10 -22.58 -9.97
CA SER A 89 -3.50 -22.70 -10.47
C SER A 89 -4.21 -21.39 -10.25
N GLY A 90 -3.84 -20.68 -9.14
CA GLY A 90 -4.56 -19.42 -8.88
C GLY A 90 -4.11 -18.33 -9.91
N ILE A 91 -2.85 -18.39 -10.26
CA ILE A 91 -2.34 -17.45 -11.29
C ILE A 91 -3.02 -17.66 -12.61
N LYS A 92 -3.04 -18.92 -13.09
CA LYS A 92 -3.82 -19.22 -14.32
C LYS A 92 -5.27 -18.86 -14.25
N GLN A 93 -5.98 -19.13 -13.13
CA GLN A 93 -7.35 -18.75 -12.98
C GLN A 93 -7.53 -17.25 -13.06
N ALA A 94 -6.62 -16.52 -12.36
CA ALA A 94 -6.71 -15.06 -12.39
C ALA A 94 -6.44 -14.57 -13.82
N ALA A 95 -5.47 -15.18 -14.50
CA ALA A 95 -5.25 -14.74 -15.89
C ALA A 95 -6.51 -14.91 -16.74
N GLU A 96 -7.22 -16.06 -16.57
CA GLU A 96 -8.48 -16.18 -17.36
C GLU A 96 -9.49 -15.10 -17.02
N ASN A 97 -9.61 -14.68 -15.76
CA ASN A 97 -10.53 -13.59 -15.43
C ASN A 97 -10.07 -12.27 -16.05
N ILE A 98 -8.74 -12.05 -16.08
CA ILE A 98 -8.27 -10.76 -16.66
C ILE A 98 -8.51 -10.74 -18.16
N LYS A 99 -8.32 -11.88 -18.82
CA LYS A 99 -8.68 -12.00 -20.25
C LYS A 99 -10.17 -11.73 -20.45
N ALA A 100 -10.99 -12.16 -19.52
CA ALA A 100 -12.43 -11.90 -19.60
C ALA A 100 -12.71 -10.42 -19.48
N LEU A 101 -11.93 -9.76 -18.57
CA LEU A 101 -12.12 -8.34 -18.38
C LEU A 101 -11.72 -7.55 -19.62
N ILE A 102 -10.62 -7.96 -20.27
CA ILE A 102 -10.20 -7.33 -21.52
C ILE A 102 -11.29 -7.50 -22.57
N ASP A 103 -11.76 -8.76 -22.67
CA ASP A 103 -12.88 -9.05 -23.58
C ASP A 103 -14.10 -8.19 -23.34
N GLN A 104 -14.46 -7.87 -22.09
CA GLN A 104 -15.58 -6.96 -21.84
C GLN A 104 -15.33 -5.57 -22.45
N GLU A 105 -14.08 -5.06 -22.35
CA GLU A 105 -13.78 -3.82 -23.05
C GLU A 105 -13.87 -4.01 -24.56
N VAL A 106 -13.38 -5.11 -25.08
CA VAL A 106 -13.47 -5.34 -26.55
C VAL A 106 -14.91 -5.38 -27.01
N LYS A 107 -15.78 -6.10 -26.30
CA LYS A 107 -17.21 -6.03 -26.61
C LYS A 107 -17.87 -4.72 -26.41
N ASN A 108 -17.36 -3.79 -25.62
CA ASN A 108 -17.82 -2.42 -25.57
C ASN A 108 -17.23 -1.49 -26.59
N GLY A 109 -16.43 -1.92 -27.55
CA GLY A 109 -16.01 -1.06 -28.63
C GLY A 109 -14.54 -0.63 -28.62
N ILE A 110 -13.84 -1.00 -27.56
CA ILE A 110 -12.39 -0.63 -27.52
C ILE A 110 -11.55 -1.85 -27.83
N PRO A 111 -10.82 -1.84 -28.94
CA PRO A 111 -10.10 -3.00 -29.43
C PRO A 111 -8.96 -3.32 -28.46
N SER A 112 -8.59 -4.61 -28.39
CA SER A 112 -7.54 -4.97 -27.41
C SER A 112 -6.24 -4.26 -27.75
N ASN A 113 -5.95 -3.94 -29.03
CA ASN A 113 -4.71 -3.21 -29.33
C ASN A 113 -4.76 -1.74 -28.97
N ARG A 114 -5.88 -1.27 -28.35
CA ARG A 114 -5.92 0.00 -27.69
C ARG A 114 -6.05 -0.12 -26.18
N ILE A 115 -5.57 -1.23 -25.62
CA ILE A 115 -5.65 -1.49 -24.18
C ILE A 115 -4.24 -1.79 -23.64
N ILE A 116 -3.85 -1.09 -22.61
CA ILE A 116 -2.63 -1.41 -21.86
C ILE A 116 -3.07 -2.16 -20.60
N LEU A 117 -2.37 -3.25 -20.33
CA LEU A 117 -2.59 -3.94 -19.04
C LEU A 117 -1.47 -3.69 -18.10
N GLY A 118 -1.69 -3.37 -16.86
CA GLY A 118 -0.52 -3.14 -15.97
C GLY A 118 -0.95 -3.44 -14.53
N GLY A 119 0.04 -3.33 -13.66
CA GLY A 119 -0.30 -3.54 -12.24
C GLY A 119 0.94 -3.34 -11.34
N PHE A 120 0.63 -3.54 -10.05
CA PHE A 120 1.64 -3.27 -9.00
C PHE A 120 1.87 -4.57 -8.27
N SER A 121 3.10 -4.99 -8.05
CA SER A 121 3.46 -6.17 -7.27
C SER A 121 2.68 -7.36 -7.79
N GLN A 122 1.85 -8.14 -7.02
CA GLN A 122 1.33 -9.37 -7.65
C GLN A 122 0.41 -8.98 -8.82
N GLY A 123 -0.22 -7.77 -8.80
CA GLY A 123 -0.96 -7.32 -9.95
C GLY A 123 -0.10 -7.03 -11.21
N GLY A 124 1.11 -6.56 -10.99
CA GLY A 124 2.03 -6.45 -12.16
C GLY A 124 2.52 -7.78 -12.67
N ALA A 125 2.80 -8.66 -11.73
CA ALA A 125 3.15 -10.05 -12.12
C ALA A 125 2.04 -10.65 -12.95
N LEU A 126 0.83 -10.49 -12.49
CA LEU A 126 -0.33 -10.99 -13.26
C LEU A 126 -0.52 -10.33 -14.60
N SER A 127 -0.24 -8.99 -14.69
CA SER A 127 -0.30 -8.36 -16.01
C SER A 127 0.71 -8.92 -16.95
N LEU A 128 1.94 -9.16 -16.51
CA LEU A 128 2.91 -9.82 -17.40
C LEU A 128 2.47 -11.20 -17.80
N TYR A 129 2.05 -12.02 -16.86
CA TYR A 129 1.67 -13.39 -17.12
C TYR A 129 0.55 -13.43 -18.16
N THR A 130 -0.44 -12.50 -17.92
CA THR A 130 -1.64 -12.49 -18.75
C THR A 130 -1.25 -12.05 -20.17
N ALA A 131 -0.46 -10.97 -20.25
CA ALA A 131 -0.16 -10.45 -21.62
C ALA A 131 0.66 -11.45 -22.39
N LEU A 132 1.60 -12.18 -21.80
CA LEU A 132 2.44 -13.15 -22.46
C LEU A 132 1.78 -14.49 -22.71
N THR A 133 0.53 -14.68 -22.36
CA THR A 133 -0.12 -15.95 -22.53
C THR A 133 -1.47 -15.80 -23.23
N THR A 134 -1.89 -14.58 -23.58
CA THR A 134 -3.16 -14.39 -24.25
C THR A 134 -2.99 -14.26 -25.75
N GLN A 135 -4.05 -14.66 -26.55
CA GLN A 135 -3.80 -14.24 -27.96
C GLN A 135 -4.60 -12.94 -28.24
N GLN A 136 -5.03 -12.25 -27.20
CA GLN A 136 -5.50 -10.88 -27.41
C GLN A 136 -4.35 -9.92 -27.62
N LYS A 137 -4.24 -9.22 -28.74
CA LYS A 137 -3.09 -8.33 -28.98
C LYS A 137 -3.31 -7.11 -28.10
N LEU A 138 -2.30 -6.76 -27.29
CA LEU A 138 -2.49 -5.61 -26.40
C LEU A 138 -1.51 -4.51 -26.81
N ALA A 139 -1.85 -3.26 -26.34
CA ALA A 139 -0.97 -2.16 -26.72
C ALA A 139 0.33 -2.10 -25.90
N GLY A 140 0.39 -2.69 -24.71
CA GLY A 140 1.56 -2.51 -23.88
C GLY A 140 1.25 -2.96 -22.47
N VAL A 141 2.30 -3.05 -21.68
CA VAL A 141 2.18 -3.50 -20.31
C VAL A 141 3.01 -2.56 -19.42
N THR A 142 2.47 -2.18 -18.27
CA THR A 142 3.22 -1.43 -17.29
C THR A 142 3.33 -2.30 -16.04
N ALA A 143 4.55 -2.76 -15.77
CA ALA A 143 4.72 -3.73 -14.68
C ALA A 143 5.51 -3.10 -13.55
N LEU A 144 4.88 -2.81 -12.43
CA LEU A 144 5.49 -1.96 -11.40
C LEU A 144 5.83 -2.82 -10.18
N SER A 145 7.06 -2.71 -9.72
CA SER A 145 7.57 -3.43 -8.53
C SER A 145 7.14 -4.88 -8.48
N CYS A 146 7.50 -5.67 -9.52
CA CYS A 146 6.87 -7.01 -9.58
C CYS A 146 7.91 -7.98 -10.12
N TRP A 147 7.40 -9.10 -10.60
CA TRP A 147 8.17 -10.26 -11.05
C TRP A 147 7.36 -10.99 -12.12
N LEU A 148 8.02 -11.89 -12.86
CA LEU A 148 7.25 -12.72 -13.81
C LEU A 148 6.89 -14.00 -13.10
N PRO A 149 5.64 -14.28 -12.89
CA PRO A 149 5.23 -15.51 -12.18
C PRO A 149 5.50 -16.76 -13.03
N LEU A 150 5.75 -17.88 -12.41
CA LEU A 150 5.95 -19.16 -13.12
C LEU A 150 6.99 -19.02 -14.26
N ARG A 151 8.10 -18.43 -13.88
CA ARG A 151 9.11 -18.00 -14.88
C ARG A 151 9.68 -19.20 -15.57
N ALA A 152 9.91 -20.26 -14.78
CA ALA A 152 10.48 -21.48 -15.42
C ALA A 152 9.51 -22.14 -16.38
N SER A 153 8.24 -21.86 -16.49
CA SER A 153 7.29 -22.42 -17.39
C SER A 153 7.37 -21.74 -18.77
N PHE A 154 8.07 -20.61 -18.83
CA PHE A 154 8.16 -19.89 -20.10
C PHE A 154 9.26 -20.43 -20.97
N PRO A 155 9.20 -20.18 -22.29
CA PRO A 155 10.27 -20.58 -23.19
C PRO A 155 11.64 -20.11 -22.79
N GLN A 156 12.78 -20.74 -23.12
CA GLN A 156 14.04 -20.00 -22.98
C GLN A 156 14.37 -19.00 -24.07
N GLY A 157 13.56 -18.80 -25.05
CA GLY A 157 13.68 -17.86 -26.14
C GLY A 157 12.33 -17.15 -26.31
N PRO A 158 12.07 -16.69 -27.53
CA PRO A 158 10.85 -15.94 -27.77
C PRO A 158 9.58 -16.70 -27.56
N ILE A 159 8.52 -16.03 -27.17
CA ILE A 159 7.24 -16.68 -26.87
C ILE A 159 6.37 -16.79 -28.13
N GLY A 160 6.63 -15.88 -29.09
CA GLY A 160 5.73 -15.85 -30.28
C GLY A 160 4.32 -15.39 -29.95
N GLY A 161 3.36 -15.62 -30.84
CA GLY A 161 1.94 -15.36 -30.64
C GLY A 161 1.67 -13.85 -30.67
N ALA A 162 0.50 -13.43 -30.17
CA ALA A 162 0.03 -12.12 -30.55
C ALA A 162 0.85 -10.98 -29.96
N ASN A 163 1.44 -11.20 -28.80
CA ASN A 163 2.12 -10.10 -28.07
C ASN A 163 3.63 -10.25 -28.14
N ARG A 164 4.12 -10.91 -29.18
CA ARG A 164 5.56 -11.06 -29.37
C ARG A 164 6.34 -9.77 -29.53
N ASP A 165 5.68 -8.67 -29.96
CA ASP A 165 6.34 -7.39 -30.14
C ASP A 165 5.76 -6.33 -29.16
N ILE A 166 5.20 -6.80 -28.01
CA ILE A 166 4.53 -5.82 -27.14
C ILE A 166 5.55 -4.95 -26.42
N SER A 167 5.13 -3.69 -26.16
CA SER A 167 5.96 -2.76 -25.44
C SER A 167 5.77 -2.99 -23.93
N ILE A 168 6.84 -2.99 -23.21
CA ILE A 168 6.74 -3.20 -21.75
C ILE A 168 7.63 -2.18 -21.03
N LEU A 169 7.04 -1.51 -20.07
CA LEU A 169 7.79 -0.64 -19.13
C LEU A 169 7.78 -1.37 -17.79
N GLN A 170 8.94 -1.75 -17.28
CA GLN A 170 9.03 -2.37 -15.98
C GLN A 170 9.67 -1.36 -15.03
N CYS A 171 9.09 -1.11 -13.89
CA CYS A 171 9.51 -0.10 -12.90
C CYS A 171 9.86 -0.75 -11.58
N HIS A 172 10.91 -0.27 -10.91
CA HIS A 172 11.19 -0.86 -9.60
C HIS A 172 11.84 0.19 -8.67
N GLY A 173 11.56 0.02 -7.41
CA GLY A 173 12.26 0.85 -6.38
C GLY A 173 13.57 0.25 -5.99
N ASP A 174 14.62 1.07 -5.73
CA ASP A 174 15.88 0.50 -5.25
C ASP A 174 15.88 0.24 -3.76
N CYS A 175 14.82 0.52 -3.03
CA CYS A 175 14.79 0.36 -1.57
C CYS A 175 13.59 -0.50 -1.20
N ASP A 176 13.21 -1.45 -2.09
CA ASP A 176 11.99 -2.21 -1.84
C ASP A 176 12.28 -3.39 -0.92
N PRO A 177 11.69 -3.40 0.26
CA PRO A 177 12.01 -4.44 1.25
C PRO A 177 11.17 -5.69 1.11
N LEU A 178 10.16 -5.61 0.25
CA LEU A 178 9.25 -6.77 0.05
C LEU A 178 9.56 -7.53 -1.19
N VAL A 179 9.55 -6.81 -2.33
CA VAL A 179 9.94 -7.40 -3.61
C VAL A 179 11.31 -6.85 -4.02
N PRO A 180 12.34 -7.64 -3.85
CA PRO A 180 13.71 -7.17 -4.05
C PRO A 180 13.92 -6.61 -5.45
N LEU A 181 14.72 -5.58 -5.59
CA LEU A 181 15.09 -5.09 -6.92
C LEU A 181 15.61 -6.19 -7.83
N MET A 182 16.31 -7.20 -7.33
CA MET A 182 16.77 -8.34 -8.13
C MET A 182 15.62 -8.96 -8.92
N PHE A 183 14.41 -9.04 -8.34
CA PHE A 183 13.26 -9.61 -9.06
C PHE A 183 12.93 -8.81 -10.31
N GLY A 184 12.95 -7.51 -10.21
CA GLY A 184 12.68 -6.64 -11.36
C GLY A 184 13.77 -6.89 -12.39
N SER A 185 15.02 -6.89 -11.92
CA SER A 185 16.11 -7.09 -12.88
C SER A 185 16.07 -8.41 -13.63
N LEU A 186 15.86 -9.48 -12.89
CA LEU A 186 15.85 -10.82 -13.50
C LEU A 186 14.63 -10.91 -14.42
N THR A 187 13.51 -10.24 -14.04
CA THR A 187 12.36 -10.22 -14.92
C THR A 187 12.62 -9.48 -16.22
N VAL A 188 13.20 -8.30 -16.18
CA VAL A 188 13.49 -7.58 -17.46
C VAL A 188 14.41 -8.41 -18.33
N GLU A 189 15.43 -9.08 -17.72
CA GLU A 189 16.30 -9.96 -18.50
C GLU A 189 15.52 -11.03 -19.25
N LYS A 190 14.58 -11.68 -18.53
CA LYS A 190 13.78 -12.74 -19.10
C LYS A 190 12.86 -12.15 -20.17
N LEU A 191 12.28 -10.96 -19.88
CA LEU A 191 11.40 -10.36 -20.90
C LEU A 191 12.16 -10.02 -22.17
N LYS A 192 13.42 -9.65 -22.09
CA LYS A 192 14.18 -9.32 -23.32
C LYS A 192 14.46 -10.56 -24.18
N THR A 193 14.38 -11.76 -23.60
CA THR A 193 14.42 -12.93 -24.44
C THR A 193 13.02 -13.37 -24.86
N LEU A 194 11.97 -13.14 -24.12
CA LEU A 194 10.62 -13.57 -24.48
C LEU A 194 10.02 -12.77 -25.62
N VAL A 195 10.26 -11.47 -25.61
CA VAL A 195 9.53 -10.56 -26.53
C VAL A 195 10.63 -9.77 -27.22
N ASN A 196 10.31 -8.91 -28.18
CA ASN A 196 11.31 -8.13 -28.93
C ASN A 196 11.96 -7.14 -27.97
N PRO A 197 13.27 -7.19 -27.75
CA PRO A 197 13.84 -6.44 -26.63
C PRO A 197 13.88 -4.96 -26.93
N ALA A 198 13.63 -4.56 -28.22
CA ALA A 198 13.59 -3.16 -28.59
C ALA A 198 12.50 -2.39 -27.83
N ASN A 199 11.47 -3.09 -27.35
CA ASN A 199 10.28 -2.41 -26.83
C ASN A 199 10.20 -2.71 -25.33
N VAL A 200 11.31 -3.13 -24.71
CA VAL A 200 11.30 -3.38 -23.26
C VAL A 200 12.16 -2.35 -22.56
N THR A 201 11.57 -1.63 -21.58
CA THR A 201 12.34 -0.61 -20.91
C THR A 201 12.33 -0.84 -19.40
N PHE A 202 13.42 -0.70 -18.71
CA PHE A 202 13.48 -0.88 -17.24
C PHE A 202 13.83 0.46 -16.59
N LYS A 203 13.06 0.94 -15.64
CA LYS A 203 13.35 2.18 -14.92
C LYS A 203 13.42 1.89 -13.43
N THR A 204 14.42 2.52 -12.77
CA THR A 204 14.47 2.29 -11.30
C THR A 204 14.47 3.67 -10.68
N TYR A 205 14.02 3.68 -9.42
CA TYR A 205 13.77 4.89 -8.66
C TYR A 205 14.49 4.88 -7.29
N GLU A 206 15.34 5.90 -7.10
CA GLU A 206 16.20 5.90 -5.91
C GLU A 206 15.36 6.32 -4.71
N GLY A 207 15.45 5.59 -3.64
CA GLY A 207 14.70 5.89 -2.43
C GLY A 207 13.28 5.38 -2.42
N MET A 208 12.79 4.87 -3.56
CA MET A 208 11.45 4.30 -3.59
C MET A 208 11.47 2.90 -3.03
N MET A 209 10.55 2.63 -2.10
CA MET A 209 10.38 1.33 -1.49
C MET A 209 9.26 0.56 -2.19
N HIS A 210 8.45 -0.18 -1.46
CA HIS A 210 7.39 -0.95 -2.15
C HIS A 210 6.19 -0.06 -2.38
N SER A 211 6.21 0.75 -3.42
CA SER A 211 5.20 1.76 -3.67
C SER A 211 5.38 2.30 -5.10
N SER A 212 4.64 3.34 -5.42
CA SER A 212 4.92 4.16 -6.60
C SER A 212 5.60 5.44 -6.15
N CYS A 213 5.91 6.33 -7.07
CA CYS A 213 6.39 7.67 -6.72
C CYS A 213 6.03 8.61 -7.91
N GLN A 214 6.08 9.91 -7.65
CA GLN A 214 5.67 10.85 -8.68
C GLN A 214 6.47 10.68 -9.97
N GLN A 215 7.78 10.53 -9.88
CA GLN A 215 8.51 10.38 -11.15
C GLN A 215 8.12 9.10 -11.91
N GLU A 216 7.95 8.02 -11.18
CA GLU A 216 7.36 6.81 -11.79
C GLU A 216 6.02 7.02 -12.42
N MET A 217 5.08 7.71 -11.77
CA MET A 217 3.83 7.99 -12.41
C MET A 217 4.01 8.85 -13.70
N MET A 218 4.97 9.78 -13.68
CA MET A 218 5.21 10.51 -14.95
C MET A 218 5.77 9.59 -16.01
N ASP A 219 6.69 8.65 -15.71
CA ASP A 219 7.11 7.72 -16.76
C ASP A 219 5.99 6.84 -17.26
N VAL A 220 5.13 6.34 -16.37
CA VAL A 220 3.96 5.56 -16.74
C VAL A 220 3.06 6.38 -17.63
N LYS A 221 2.77 7.62 -17.32
CA LYS A 221 1.94 8.50 -18.17
C LYS A 221 2.51 8.65 -19.56
N GLN A 222 3.82 8.90 -19.64
CA GLN A 222 4.44 9.06 -20.97
C GLN A 222 4.37 7.76 -21.78
N PHE A 223 4.59 6.63 -21.09
CA PHE A 223 4.44 5.35 -21.80
C PHE A 223 3.05 5.11 -22.28
N ILE A 224 2.02 5.25 -21.47
CA ILE A 224 0.63 5.04 -21.83
C ILE A 224 0.23 5.99 -22.97
N ASP A 225 0.62 7.28 -22.78
CA ASP A 225 0.14 8.27 -23.75
C ASP A 225 0.74 8.06 -25.14
N LYS A 226 2.01 7.72 -25.20
CA LYS A 226 2.64 7.49 -26.47
C LYS A 226 2.07 6.28 -27.19
N LEU A 227 1.75 5.21 -26.45
CA LEU A 227 1.22 4.00 -27.07
C LEU A 227 -0.25 4.07 -27.38
N LEU A 228 -1.00 4.99 -26.78
CA LEU A 228 -2.40 5.20 -26.93
C LEU A 228 -2.72 6.67 -27.27
N PRO A 229 -2.24 7.09 -28.40
CA PRO A 229 -2.47 8.49 -28.85
C PRO A 229 -3.86 8.70 -29.32
N PRO A 230 -4.31 9.97 -29.42
CA PRO A 230 -5.62 10.25 -30.00
C PRO A 230 -5.80 9.63 -31.37
N ILE A 231 -6.95 9.31 -31.80
CA ILE A 231 -7.66 9.00 -32.98
C ILE A 231 -7.59 7.44 -33.28
N MET B 3 -8.79 -6.31 22.75
CA MET B 3 -9.38 -7.49 23.37
C MET B 3 -10.91 -7.51 23.28
N ASP B 4 -11.50 -6.69 22.40
CA ASP B 4 -12.85 -6.95 21.91
C ASP B 4 -12.84 -8.23 21.08
N PRO B 5 -14.01 -8.83 20.91
CA PRO B 5 -14.10 -10.01 20.06
C PRO B 5 -13.67 -9.85 18.63
N GLU B 6 -13.99 -8.82 17.85
CA GLU B 6 -13.49 -8.78 16.47
C GLU B 6 -11.98 -8.55 16.47
N PHE B 7 -11.42 -7.91 17.51
CA PHE B 7 -9.99 -7.59 17.44
C PHE B 7 -9.13 -8.80 17.79
N MET B 8 -9.71 -9.86 18.34
CA MET B 8 -8.94 -11.11 18.46
C MET B 8 -9.26 -12.13 17.39
N SER B 9 -9.81 -11.72 16.26
CA SER B 9 -9.98 -12.59 15.10
C SER B 9 -8.70 -12.63 14.26
N THR B 10 -7.67 -11.91 14.68
CA THR B 10 -6.49 -11.76 13.78
C THR B 10 -5.38 -12.64 14.29
N PRO B 11 -4.42 -12.99 13.43
CA PRO B 11 -3.17 -13.51 13.95
C PRO B 11 -2.47 -12.56 14.91
N LEU B 12 -1.49 -13.06 15.59
CA LEU B 12 -0.63 -12.27 16.47
C LEU B 12 0.17 -11.31 15.57
N PRO B 13 0.70 -10.24 16.12
CA PRO B 13 1.34 -9.23 15.27
C PRO B 13 2.54 -9.71 14.49
N ALA B 14 2.82 -9.05 13.40
CA ALA B 14 4.09 -9.22 12.66
C ALA B 14 5.21 -8.61 13.45
N ILE B 15 6.31 -9.24 13.80
CA ILE B 15 7.27 -8.74 14.76
C ILE B 15 8.67 -8.72 14.13
N VAL B 16 9.33 -7.60 14.26
CA VAL B 16 10.80 -7.54 14.16
C VAL B 16 11.41 -7.61 15.53
N PRO B 17 11.97 -8.75 15.93
CA PRO B 17 12.56 -8.89 17.25
C PRO B 17 13.78 -8.06 17.48
N ALA B 18 14.04 -7.75 18.76
CA ALA B 18 15.27 -7.11 19.18
C ALA B 18 16.36 -8.20 19.01
N ALA B 19 17.48 -7.86 18.50
CA ALA B 19 18.66 -8.71 18.53
C ALA B 19 19.20 -8.90 19.94
N ARG B 20 19.33 -7.83 20.71
CA ARG B 20 19.61 -7.95 22.14
C ARG B 20 18.30 -8.12 22.90
N LYS B 21 18.32 -8.11 24.22
CA LYS B 21 17.06 -8.16 24.99
C LYS B 21 16.27 -6.89 24.69
N ALA B 22 14.95 -7.00 24.45
CA ALA B 22 14.22 -5.78 24.06
C ALA B 22 14.09 -4.93 25.32
N THR B 23 14.48 -3.66 25.26
CA THR B 23 14.19 -2.72 26.31
C THR B 23 13.31 -1.55 25.88
N ALA B 24 12.79 -1.64 24.67
CA ALA B 24 11.89 -0.66 24.11
C ALA B 24 11.07 -1.32 23.01
N ALA B 25 9.96 -0.68 22.62
CA ALA B 25 9.17 -1.20 21.51
C ALA B 25 8.58 -0.06 20.71
N VAL B 26 8.31 -0.37 19.44
CA VAL B 26 7.55 0.47 18.53
C VAL B 26 6.32 -0.36 18.13
N ILE B 27 5.10 0.15 18.35
CA ILE B 27 3.86 -0.48 17.88
C ILE B 27 3.36 0.31 16.66
N PHE B 28 3.35 -0.26 15.50
CA PHE B 28 3.10 0.53 14.26
C PHE B 28 1.82 -0.07 13.60
N LEU B 29 0.88 0.83 13.37
CA LEU B 29 -0.44 0.46 12.84
C LEU B 29 -0.57 0.73 11.36
N HIS B 30 -0.76 -0.28 10.55
CA HIS B 30 -0.91 -0.04 9.10
C HIS B 30 -2.23 0.68 8.78
N GLY B 31 -2.27 1.08 7.49
CA GLY B 31 -3.45 1.76 6.97
C GLY B 31 -4.25 0.85 6.03
N LEU B 32 -5.18 1.43 5.29
CA LEU B 32 -6.02 0.57 4.43
C LEU B 32 -5.17 0.05 3.28
N GLY B 33 -4.33 0.87 2.67
CA GLY B 33 -3.52 0.42 1.54
C GLY B 33 -2.38 -0.56 1.79
N ASP B 34 -2.26 -1.30 2.89
CA ASP B 34 -0.98 -1.91 3.28
C ASP B 34 -1.12 -2.87 4.43
N THR B 35 -0.12 -3.69 4.75
CA THR B 35 -0.23 -4.71 5.73
C THR B 35 0.79 -4.61 6.85
N GLY B 36 0.50 -5.29 7.96
CA GLY B 36 1.50 -5.40 9.03
C GLY B 36 2.78 -6.08 8.55
N HIS B 37 2.72 -7.17 7.80
CA HIS B 37 3.92 -7.76 7.25
C HIS B 37 4.72 -6.75 6.42
N GLY B 38 4.03 -5.94 5.61
CA GLY B 38 4.79 -5.01 4.72
C GLY B 38 5.57 -4.01 5.60
N TRP B 39 4.90 -3.52 6.65
CA TRP B 39 5.56 -2.56 7.53
C TRP B 39 6.65 -3.21 8.33
N ALA B 40 6.51 -4.49 8.65
CA ALA B 40 7.52 -5.15 9.46
C ALA B 40 8.78 -5.25 8.59
N GLU B 41 8.60 -5.54 7.32
CA GLU B 41 9.80 -5.57 6.43
C GLU B 41 10.43 -4.21 6.29
N ALA B 42 9.66 -3.14 6.24
CA ALA B 42 10.26 -1.80 6.22
C ALA B 42 10.97 -1.47 7.50
N PHE B 43 10.34 -1.77 8.67
CA PHE B 43 11.04 -1.51 9.94
C PHE B 43 12.23 -2.37 10.14
N ALA B 44 12.34 -3.58 9.57
CA ALA B 44 13.55 -4.38 9.68
C ALA B 44 14.76 -3.61 9.09
N GLY B 45 14.49 -2.69 8.12
CA GLY B 45 15.64 -2.01 7.51
C GLY B 45 16.19 -0.90 8.38
N ILE B 46 15.48 -0.47 9.41
CA ILE B 46 15.95 0.53 10.35
C ILE B 46 16.03 0.02 11.78
N ARG B 47 16.07 -1.30 11.99
CA ARG B 47 15.91 -1.84 13.33
C ARG B 47 17.12 -1.49 14.22
N SER B 48 16.80 -1.22 15.47
CA SER B 48 17.78 -1.18 16.55
C SER B 48 17.85 -2.45 17.34
N SER B 49 19.06 -2.85 17.86
CA SER B 49 19.13 -4.12 18.56
C SER B 49 18.39 -4.17 19.89
N HIS B 50 17.99 -3.07 20.50
CA HIS B 50 17.25 -3.15 21.78
C HIS B 50 15.78 -2.81 21.58
N ILE B 51 15.35 -2.70 20.33
CA ILE B 51 13.92 -2.34 20.08
C ILE B 51 13.20 -3.48 19.40
N LYS B 52 12.03 -3.86 19.88
CA LYS B 52 11.04 -4.71 19.27
C LYS B 52 10.09 -3.90 18.42
N TYR B 53 9.79 -4.28 17.19
CA TYR B 53 8.87 -3.54 16.33
C TYR B 53 7.64 -4.43 16.18
N ILE B 54 6.49 -3.97 16.57
CA ILE B 54 5.28 -4.79 16.64
C ILE B 54 4.27 -4.20 15.65
N CYS B 55 3.84 -4.95 14.64
CA CYS B 55 2.92 -4.43 13.63
C CYS B 55 1.68 -5.32 13.66
N PRO B 56 0.69 -4.94 14.48
CA PRO B 56 -0.50 -5.74 14.63
C PRO B 56 -1.35 -5.72 13.41
N HIS B 57 -2.23 -6.73 13.32
CA HIS B 57 -3.16 -6.93 12.26
C HIS B 57 -4.52 -6.39 12.69
N ALA B 58 -5.24 -5.76 11.80
CA ALA B 58 -6.57 -5.24 12.03
C ALA B 58 -7.63 -6.20 11.56
N PRO B 59 -8.79 -6.16 12.24
CA PRO B 59 -9.92 -7.01 11.86
C PRO B 59 -10.40 -6.75 10.46
N VAL B 60 -10.85 -7.80 9.75
CA VAL B 60 -11.33 -7.72 8.40
C VAL B 60 -12.82 -7.44 8.36
N ARG B 61 -13.20 -6.36 7.75
CA ARG B 61 -14.65 -6.03 7.63
C ARG B 61 -14.81 -5.06 6.49
N PRO B 62 -16.02 -4.87 5.97
CA PRO B 62 -16.30 -4.00 4.88
C PRO B 62 -15.86 -2.56 5.19
N VAL B 63 -15.31 -1.96 4.15
CA VAL B 63 -14.87 -0.56 4.19
C VAL B 63 -15.67 0.25 3.21
N THR B 64 -16.42 1.26 3.66
CA THR B 64 -17.24 2.06 2.73
C THR B 64 -16.51 2.71 1.63
N LEU B 65 -15.34 3.34 1.84
CA LEU B 65 -14.60 4.02 0.81
C LEU B 65 -14.25 3.05 -0.31
N ASN B 66 -14.01 1.79 0.01
CA ASN B 66 -13.64 0.79 -0.99
C ASN B 66 -14.83 0.00 -1.48
N MET B 67 -15.98 0.62 -1.68
CA MET B 67 -17.21 0.01 -2.16
C MET B 67 -17.61 -1.21 -1.36
N ASN B 68 -17.44 -1.23 -0.05
CA ASN B 68 -17.80 -2.20 0.93
C ASN B 68 -17.04 -3.54 0.86
N VAL B 69 -15.92 -3.48 0.15
CA VAL B 69 -14.98 -4.64 0.17
C VAL B 69 -14.47 -4.91 1.56
N ALA B 70 -14.52 -6.14 2.02
CA ALA B 70 -13.96 -6.56 3.28
C ALA B 70 -12.42 -6.66 3.24
N MET B 71 -11.78 -6.00 4.19
CA MET B 71 -10.32 -5.92 4.24
C MET B 71 -9.91 -5.52 5.65
N PRO B 72 -8.69 -5.83 6.09
CA PRO B 72 -8.22 -5.35 7.36
C PRO B 72 -8.41 -3.85 7.52
N SER B 73 -9.05 -3.48 8.65
CA SER B 73 -9.44 -2.09 8.86
C SER B 73 -9.65 -1.82 10.34
N TRP B 74 -8.92 -0.74 10.84
CA TRP B 74 -8.95 -0.40 12.24
C TRP B 74 -10.33 0.18 12.59
N PHE B 75 -10.88 0.87 11.64
CA PHE B 75 -12.23 1.43 11.72
C PHE B 75 -12.69 1.78 10.32
N ASP B 76 -13.98 2.09 10.11
CA ASP B 76 -14.44 2.36 8.74
C ASP B 76 -13.99 3.72 8.25
N ILE B 77 -13.83 3.88 6.93
CA ILE B 77 -13.55 5.16 6.31
C ILE B 77 -14.64 5.48 5.27
N ILE B 78 -15.19 6.66 5.38
CA ILE B 78 -16.30 7.02 4.50
C ILE B 78 -15.82 7.93 3.39
N GLY B 79 -14.84 8.77 3.68
CA GLY B 79 -14.15 9.58 2.67
C GLY B 79 -12.83 10.05 3.28
N LEU B 80 -12.05 10.80 2.52
CA LEU B 80 -10.80 11.33 3.10
C LEU B 80 -10.71 12.86 3.03
N SER B 81 -11.78 13.58 2.75
CA SER B 81 -11.85 15.03 3.03
C SER B 81 -12.15 15.24 4.49
N PRO B 82 -11.90 16.40 5.10
CA PRO B 82 -12.39 16.60 6.47
C PRO B 82 -13.77 17.20 6.50
N ASP B 83 -14.43 17.19 5.35
CA ASP B 83 -15.90 17.14 5.39
C ASP B 83 -16.37 15.72 5.67
N SER B 84 -15.55 14.70 5.45
CA SER B 84 -16.07 13.33 5.45
C SER B 84 -16.50 12.95 6.87
N GLN B 85 -17.67 12.42 7.07
CA GLN B 85 -18.07 11.88 8.35
C GLN B 85 -17.15 10.71 8.73
N GLU B 86 -16.89 10.63 10.00
CA GLU B 86 -15.95 9.63 10.55
C GLU B 86 -16.66 8.59 11.35
N ASP B 87 -16.12 7.39 11.45
CA ASP B 87 -16.60 6.28 12.24
C ASP B 87 -16.20 6.44 13.70
N GLU B 88 -16.88 7.31 14.43
CA GLU B 88 -16.49 7.72 15.79
C GLU B 88 -16.46 6.50 16.67
N SER B 89 -17.53 5.66 16.65
CA SER B 89 -17.54 4.53 17.58
C SER B 89 -16.47 3.54 17.17
N GLY B 90 -16.20 3.41 15.88
CA GLY B 90 -15.15 2.37 15.55
C GLY B 90 -13.76 2.97 15.88
N ILE B 91 -13.59 4.26 15.82
CA ILE B 91 -12.26 4.85 16.23
C ILE B 91 -12.05 4.67 17.72
N LYS B 92 -13.11 4.99 18.52
CA LYS B 92 -12.93 4.80 19.96
C LYS B 92 -12.76 3.32 20.31
N GLN B 93 -13.46 2.37 19.70
CA GLN B 93 -13.19 0.94 19.97
C GLN B 93 -11.78 0.51 19.62
N ALA B 94 -11.33 0.91 18.46
CA ALA B 94 -9.93 0.61 18.02
C ALA B 94 -8.96 1.21 19.03
N ALA B 95 -9.21 2.39 19.55
CA ALA B 95 -8.26 2.99 20.50
C ALA B 95 -8.21 2.19 21.78
N GLU B 96 -9.43 1.76 22.24
CA GLU B 96 -9.38 0.83 23.37
C GLU B 96 -8.56 -0.44 23.12
N ASN B 97 -8.66 -1.05 21.94
CA ASN B 97 -7.89 -2.26 21.68
C ASN B 97 -6.41 -1.97 21.59
N ILE B 98 -6.02 -0.81 21.07
CA ILE B 98 -4.60 -0.46 21.10
C ILE B 98 -4.09 -0.20 22.50
N LYS B 99 -4.86 0.51 23.32
CA LYS B 99 -4.46 0.64 24.73
C LYS B 99 -4.29 -0.74 25.35
N ALA B 100 -5.07 -1.75 25.00
CA ALA B 100 -4.93 -3.09 25.57
C ALA B 100 -3.67 -3.79 25.07
N LEU B 101 -3.37 -3.54 23.77
CA LEU B 101 -2.07 -4.05 23.25
C LEU B 101 -0.86 -3.46 23.92
N ILE B 102 -0.88 -2.14 24.17
CA ILE B 102 0.16 -1.43 24.93
C ILE B 102 0.28 -2.08 26.31
N ASP B 103 -0.85 -2.20 27.00
CA ASP B 103 -0.85 -2.89 28.29
C ASP B 103 -0.25 -4.26 28.29
N GLN B 104 -0.59 -5.09 27.31
CA GLN B 104 0.03 -6.43 27.18
C GLN B 104 1.55 -6.34 27.05
N GLU B 105 2.03 -5.37 26.23
CA GLU B 105 3.48 -5.26 26.03
C GLU B 105 4.16 -4.80 27.30
N VAL B 106 3.47 -3.91 28.05
CA VAL B 106 4.03 -3.48 29.35
C VAL B 106 4.08 -4.65 30.32
N LYS B 107 2.95 -5.37 30.48
CA LYS B 107 2.98 -6.54 31.36
C LYS B 107 3.95 -7.61 30.90
N ASN B 108 4.33 -7.68 29.62
CA ASN B 108 5.34 -8.64 29.20
C ASN B 108 6.75 -8.05 29.25
N GLY B 109 6.94 -6.84 29.66
CA GLY B 109 8.21 -6.35 30.12
C GLY B 109 8.67 -4.98 29.68
N ILE B 110 8.08 -4.35 28.68
CA ILE B 110 8.52 -3.01 28.26
C ILE B 110 7.65 -1.91 28.85
N PRO B 111 8.19 -1.05 29.73
CA PRO B 111 7.51 0.13 30.23
C PRO B 111 6.86 0.96 29.13
N SER B 112 5.69 1.56 29.42
CA SER B 112 5.02 2.34 28.32
C SER B 112 5.84 3.54 27.89
N ASN B 113 6.63 4.13 28.80
CA ASN B 113 7.47 5.27 28.36
C ASN B 113 8.72 4.79 27.62
N ARG B 114 8.82 3.48 27.37
CA ARG B 114 9.72 2.96 26.36
C ARG B 114 9.01 2.42 25.13
N ILE B 115 7.76 2.90 24.88
CA ILE B 115 6.99 2.50 23.70
C ILE B 115 6.62 3.70 22.84
N ILE B 116 7.01 3.63 21.60
CA ILE B 116 6.53 4.57 20.56
C ILE B 116 5.33 3.87 19.87
N LEU B 117 4.29 4.72 19.71
CA LEU B 117 3.12 4.29 18.95
C LEU B 117 3.06 5.05 17.65
N GLY B 118 2.80 4.41 16.52
CA GLY B 118 2.76 5.17 15.26
C GLY B 118 1.98 4.37 14.22
N GLY B 119 1.78 4.99 13.05
CA GLY B 119 1.17 4.26 11.98
C GLY B 119 1.13 5.15 10.73
N PHE B 120 0.51 4.49 9.75
CA PHE B 120 0.30 5.07 8.45
C PHE B 120 -1.14 5.20 8.09
N SER B 121 -1.49 6.37 7.58
CA SER B 121 -2.86 6.69 7.13
C SER B 121 -3.84 6.39 8.25
N GLN B 122 -4.91 5.61 8.09
CA GLN B 122 -5.79 5.45 9.30
C GLN B 122 -5.07 4.91 10.51
N GLY B 123 -3.95 4.14 10.33
CA GLY B 123 -3.28 3.65 11.52
C GLY B 123 -2.51 4.78 12.22
N GLY B 124 -2.08 5.77 11.41
CA GLY B 124 -1.40 6.97 12.02
C GLY B 124 -2.44 7.82 12.72
N ALA B 125 -3.59 7.92 12.04
CA ALA B 125 -4.69 8.64 12.63
C ALA B 125 -5.05 8.00 13.98
N LEU B 126 -5.13 6.66 14.03
CA LEU B 126 -5.36 5.95 15.27
C LEU B 126 -4.25 6.13 16.27
N SER B 127 -2.99 6.18 15.88
CA SER B 127 -1.95 6.41 16.85
C SER B 127 -2.07 7.77 17.53
N LEU B 128 -2.34 8.77 16.69
CA LEU B 128 -2.58 10.11 17.31
C LEU B 128 -3.74 10.12 18.30
N TYR B 129 -4.88 9.61 17.85
CA TYR B 129 -6.07 9.59 18.73
C TYR B 129 -5.80 8.88 20.01
N THR B 130 -5.20 7.66 19.89
CA THR B 130 -4.92 6.81 21.02
C THR B 130 -3.99 7.53 21.99
N ALA B 131 -2.87 8.05 21.42
CA ALA B 131 -1.91 8.70 22.32
C ALA B 131 -2.48 9.90 23.02
N LEU B 132 -3.33 10.70 22.31
CA LEU B 132 -3.89 11.89 22.98
C LEU B 132 -5.03 11.63 23.95
N THR B 133 -5.51 10.42 24.01
CA THR B 133 -6.62 10.07 24.89
C THR B 133 -6.18 9.00 25.90
N THR B 134 -5.06 8.38 25.89
CA THR B 134 -4.71 7.34 26.84
C THR B 134 -4.05 7.93 28.08
N GLN B 135 -4.26 7.27 29.26
CA GLN B 135 -3.40 7.64 30.40
C GLN B 135 -2.06 6.96 30.42
N GLN B 136 -1.81 6.00 29.53
CA GLN B 136 -0.49 5.45 29.29
C GLN B 136 0.48 6.49 28.76
N LYS B 137 1.52 6.75 29.56
CA LYS B 137 2.55 7.67 29.06
C LYS B 137 3.42 6.99 28.01
N LEU B 138 3.51 7.53 26.82
CA LEU B 138 4.26 6.91 25.73
C LEU B 138 5.50 7.74 25.36
N ALA B 139 6.45 7.06 24.68
CA ALA B 139 7.71 7.75 24.39
C ALA B 139 7.66 8.75 23.24
N GLY B 140 6.73 8.59 22.35
CA GLY B 140 6.52 9.43 21.18
C GLY B 140 5.55 8.74 20.22
N VAL B 141 5.25 9.50 19.15
CA VAL B 141 4.34 9.04 18.13
C VAL B 141 4.98 9.32 16.74
N THR B 142 4.91 8.36 15.84
CA THR B 142 5.26 8.68 14.44
C THR B 142 4.01 8.59 13.60
N ALA B 143 3.53 9.73 13.08
CA ALA B 143 2.24 9.72 12.40
C ALA B 143 2.47 10.01 10.91
N LEU B 144 2.33 8.97 10.09
CA LEU B 144 2.72 9.05 8.67
C LEU B 144 1.53 9.16 7.76
N SER B 145 1.50 10.21 6.95
CA SER B 145 0.50 10.43 5.91
C SER B 145 -0.95 10.27 6.42
N CYS B 146 -1.28 11.13 7.42
CA CYS B 146 -2.54 10.84 8.14
C CYS B 146 -3.16 12.15 8.64
N TRP B 147 -4.06 12.02 9.58
CA TRP B 147 -4.91 13.11 10.06
C TRP B 147 -5.22 12.79 11.53
N LEU B 148 -5.61 13.81 12.32
CA LEU B 148 -6.24 13.51 13.61
C LEU B 148 -7.74 13.26 13.51
N PRO B 149 -8.18 12.04 13.81
CA PRO B 149 -9.59 11.68 13.83
C PRO B 149 -10.33 12.43 14.94
N LEU B 150 -11.62 12.73 14.58
CA LEU B 150 -12.52 13.34 15.57
C LEU B 150 -11.95 14.65 16.09
N ARG B 151 -11.41 15.46 15.13
CA ARG B 151 -10.59 16.60 15.63
C ARG B 151 -11.44 17.63 16.39
N ALA B 152 -12.72 17.76 15.97
CA ALA B 152 -13.57 18.76 16.63
C ALA B 152 -13.94 18.34 18.02
N SER B 153 -13.86 17.05 18.35
CA SER B 153 -14.16 16.55 19.69
C SER B 153 -13.06 16.87 20.70
N PHE B 154 -11.88 17.36 20.32
CA PHE B 154 -10.86 17.81 21.21
C PHE B 154 -10.98 19.32 21.52
N PRO B 155 -11.24 19.55 22.80
CA PRO B 155 -11.21 20.88 23.38
C PRO B 155 -10.02 21.66 22.89
N GLN B 156 -10.29 22.95 22.63
CA GLN B 156 -9.14 23.83 22.28
C GLN B 156 -8.31 23.75 23.54
N GLY B 157 -7.04 24.04 23.58
CA GLY B 157 -6.29 23.84 24.79
C GLY B 157 -5.64 22.48 24.91
N PRO B 158 -4.62 22.48 25.74
CA PRO B 158 -3.73 21.36 26.00
C PRO B 158 -4.45 20.15 26.55
N ILE B 159 -4.11 18.92 26.17
CA ILE B 159 -4.69 17.75 26.83
C ILE B 159 -4.19 17.70 28.28
N GLY B 160 -5.05 17.17 29.14
CA GLY B 160 -4.72 17.11 30.55
C GLY B 160 -3.95 15.83 30.88
N GLY B 161 -3.90 14.89 29.97
CA GLY B 161 -3.54 13.52 30.35
C GLY B 161 -2.04 13.32 30.31
N ALA B 162 -1.64 12.06 30.41
CA ALA B 162 -0.23 11.69 30.48
C ALA B 162 0.68 12.17 29.37
N ASN B 163 0.11 12.38 28.20
CA ASN B 163 0.99 12.61 27.01
C ASN B 163 1.01 14.06 26.59
N ARG B 164 0.77 14.97 27.54
CA ARG B 164 0.76 16.40 27.25
C ARG B 164 2.06 16.97 26.70
N ASP B 165 3.15 16.28 26.98
CA ASP B 165 4.47 16.71 26.54
C ASP B 165 5.08 15.71 25.55
N ILE B 166 4.20 14.94 24.89
CA ILE B 166 4.76 13.87 24.04
C ILE B 166 5.39 14.42 22.79
N SER B 167 6.47 13.73 22.32
CA SER B 167 7.04 14.12 21.05
C SER B 167 6.33 13.45 19.90
N ILE B 168 6.06 14.23 18.84
CA ILE B 168 5.34 13.71 17.70
C ILE B 168 6.10 14.06 16.42
N LEU B 169 6.41 13.07 15.58
CA LEU B 169 6.89 13.39 14.22
C LEU B 169 5.74 13.12 13.25
N GLN B 170 5.32 14.13 12.54
CA GLN B 170 4.28 13.91 11.53
C GLN B 170 4.93 14.02 10.17
N CYS B 171 4.62 13.08 9.26
CA CYS B 171 5.28 13.06 7.95
C CYS B 171 4.23 13.07 6.85
N HIS B 172 4.50 13.70 5.69
CA HIS B 172 3.49 13.63 4.61
C HIS B 172 4.15 13.76 3.25
N GLY B 173 3.62 13.11 2.22
CA GLY B 173 4.09 13.33 0.86
C GLY B 173 3.42 14.53 0.21
N ASP B 174 4.15 15.23 -0.68
CA ASP B 174 3.52 16.37 -1.39
C ASP B 174 2.78 15.94 -2.64
N CYS B 175 2.79 14.68 -2.99
CA CYS B 175 2.00 14.15 -4.11
C CYS B 175 1.00 13.12 -3.68
N ASP B 176 0.34 13.31 -2.49
CA ASP B 176 -0.53 12.20 -2.02
C ASP B 176 -1.92 12.40 -2.58
N PRO B 177 -2.40 11.56 -3.49
CA PRO B 177 -3.72 11.62 -4.06
C PRO B 177 -4.85 11.18 -3.17
N LEU B 178 -4.52 10.51 -2.07
CA LEU B 178 -5.60 10.01 -1.20
C LEU B 178 -5.81 10.82 0.05
N VAL B 179 -4.76 10.99 0.87
CA VAL B 179 -4.86 11.91 2.02
C VAL B 179 -4.13 13.20 1.66
N PRO B 180 -4.84 14.27 1.36
CA PRO B 180 -4.22 15.50 0.95
C PRO B 180 -3.20 16.01 1.97
N LEU B 181 -2.15 16.61 1.46
CA LEU B 181 -1.12 17.24 2.29
C LEU B 181 -1.75 18.17 3.30
N MET B 182 -2.77 18.95 2.89
CA MET B 182 -3.50 19.86 3.72
C MET B 182 -4.00 19.15 4.98
N PHE B 183 -4.43 17.90 4.88
CA PHE B 183 -4.90 17.25 6.14
C PHE B 183 -3.72 17.07 7.08
N GLY B 184 -2.53 16.73 6.62
CA GLY B 184 -1.34 16.68 7.46
C GLY B 184 -1.06 18.05 8.11
N SER B 185 -1.13 19.08 7.24
CA SER B 185 -0.92 20.44 7.73
C SER B 185 -1.92 20.86 8.77
N LEU B 186 -3.23 20.67 8.56
CA LEU B 186 -4.22 21.06 9.57
C LEU B 186 -4.08 20.23 10.82
N THR B 187 -3.64 18.96 10.70
CA THR B 187 -3.38 18.16 11.88
C THR B 187 -2.23 18.65 12.71
N VAL B 188 -1.06 19.00 12.15
CA VAL B 188 0.07 19.59 12.87
C VAL B 188 -0.38 20.87 13.62
N GLU B 189 -1.20 21.69 12.98
CA GLU B 189 -1.62 22.93 13.61
C GLU B 189 -2.44 22.66 14.87
N LYS B 190 -3.31 21.66 14.78
CA LYS B 190 -4.16 21.21 15.85
C LYS B 190 -3.34 20.56 16.92
N LEU B 191 -2.37 19.69 16.56
CA LEU B 191 -1.52 19.04 17.55
C LEU B 191 -0.73 20.11 18.32
N LYS B 192 -0.32 21.20 17.66
CA LYS B 192 0.44 22.22 18.37
C LYS B 192 -0.39 22.94 19.42
N THR B 193 -1.73 22.82 19.35
CA THR B 193 -2.64 23.29 20.41
C THR B 193 -2.85 22.28 21.51
N LEU B 194 -2.70 20.98 21.25
CA LEU B 194 -3.05 19.96 22.20
C LEU B 194 -1.92 19.50 23.08
N VAL B 195 -0.68 19.59 22.56
CA VAL B 195 0.50 19.16 23.30
C VAL B 195 1.49 20.33 23.20
N ASN B 196 2.62 20.22 23.92
CA ASN B 196 3.65 21.24 23.79
C ASN B 196 4.16 21.30 22.39
N PRO B 197 3.94 22.41 21.67
CA PRO B 197 4.28 22.53 20.26
C PRO B 197 5.73 22.36 19.92
N ALA B 198 6.64 22.63 20.85
CA ALA B 198 8.08 22.51 20.62
C ALA B 198 8.53 21.07 20.35
N ASN B 199 7.73 20.07 20.71
CA ASN B 199 8.09 18.67 20.45
C ASN B 199 7.27 18.10 19.28
N VAL B 200 6.58 18.93 18.54
CA VAL B 200 5.86 18.50 17.31
C VAL B 200 6.66 18.87 16.07
N THR B 201 7.06 17.88 15.27
CA THR B 201 7.81 18.19 14.05
C THR B 201 7.07 17.70 12.82
N PHE B 202 7.09 18.56 11.77
CA PHE B 202 6.35 18.16 10.56
C PHE B 202 7.37 18.02 9.44
N LYS B 203 7.41 16.95 8.72
CA LYS B 203 8.31 16.76 7.60
C LYS B 203 7.56 16.34 6.37
N THR B 204 7.92 16.93 5.25
CA THR B 204 7.29 16.58 3.98
C THR B 204 8.35 16.12 2.98
N TYR B 205 7.86 15.29 2.05
CA TYR B 205 8.75 14.57 1.11
C TYR B 205 8.34 14.75 -0.33
N GLU B 206 9.25 15.28 -1.17
CA GLU B 206 8.94 15.72 -2.54
C GLU B 206 8.77 14.53 -3.40
N GLY B 207 7.68 14.44 -4.18
CA GLY B 207 7.44 13.28 -5.03
C GLY B 207 6.87 12.07 -4.36
N MET B 208 6.74 12.10 -3.05
CA MET B 208 6.21 10.96 -2.31
C MET B 208 4.65 11.04 -2.36
N MET B 209 4.07 9.89 -2.73
CA MET B 209 2.61 9.80 -2.86
C MET B 209 2.07 9.18 -1.59
N HIS B 210 1.01 8.35 -1.65
CA HIS B 210 0.47 7.75 -0.41
C HIS B 210 1.25 6.49 -0.05
N SER B 211 2.45 6.71 0.55
CA SER B 211 3.39 5.65 0.85
C SER B 211 4.44 6.17 1.83
N SER B 212 5.45 5.30 2.13
CA SER B 212 6.66 5.89 2.69
C SER B 212 7.74 6.17 1.65
N CYS B 213 8.91 6.60 2.07
CA CYS B 213 10.08 6.61 1.18
C CYS B 213 11.35 6.43 2.02
N GLN B 214 12.50 6.18 1.37
CA GLN B 214 13.70 5.95 2.20
C GLN B 214 14.09 7.11 3.10
N GLN B 215 14.02 8.31 2.59
CA GLN B 215 14.34 9.44 3.43
C GLN B 215 13.43 9.56 4.66
N GLU B 216 12.16 9.31 4.44
CA GLU B 216 11.19 9.32 5.55
C GLU B 216 11.56 8.25 6.57
N MET B 217 11.89 7.01 6.10
CA MET B 217 12.25 5.97 7.04
C MET B 217 13.52 6.37 7.87
N MET B 218 14.42 7.10 7.21
CA MET B 218 15.64 7.56 7.95
C MET B 218 15.22 8.56 9.03
N ASP B 219 14.27 9.43 8.72
CA ASP B 219 13.83 10.39 9.71
C ASP B 219 13.09 9.68 10.84
N VAL B 220 12.25 8.69 10.46
CA VAL B 220 11.58 7.89 11.51
C VAL B 220 12.59 7.18 12.38
N LYS B 221 13.63 6.57 11.80
CA LYS B 221 14.63 5.86 12.54
C LYS B 221 15.31 6.72 13.59
N GLN B 222 15.72 7.94 13.12
CA GLN B 222 16.43 8.82 14.04
C GLN B 222 15.49 9.31 15.16
N PHE B 223 14.20 9.51 14.81
CA PHE B 223 13.29 9.99 15.88
C PHE B 223 13.10 8.93 16.92
N ILE B 224 12.86 7.72 16.48
CA ILE B 224 12.61 6.57 17.32
C ILE B 224 13.87 6.31 18.17
N ASP B 225 15.05 6.36 17.46
CA ASP B 225 16.23 5.96 18.26
C ASP B 225 16.60 7.03 19.25
N LYS B 226 16.43 8.29 19.04
CA LYS B 226 16.75 9.36 20.00
C LYS B 226 15.82 9.27 21.21
N LEU B 227 14.57 8.89 20.93
CA LEU B 227 13.59 8.83 22.06
C LEU B 227 13.62 7.51 22.78
N LEU B 228 14.18 6.47 22.24
CA LEU B 228 14.43 5.18 22.88
C LEU B 228 15.90 4.80 22.86
N PRO B 229 16.72 5.58 23.49
CA PRO B 229 18.17 5.26 23.52
C PRO B 229 18.51 4.02 24.28
N PRO B 230 19.71 3.47 24.10
CA PRO B 230 20.19 2.36 24.92
C PRO B 230 20.13 2.74 26.39
N ILE B 231 19.84 1.77 27.18
CA ILE B 231 19.72 1.36 28.53
C ILE B 231 18.42 1.72 29.24
BR BR C . 1.89 -8.66 -3.78
BR BR D . -9.17 9.98 -29.64
BR BR E . -15.38 6.14 -20.11
BR BR F . -4.12 2.02 -1.82
BR BR G . 6.97 -22.75 -13.04
BR BR H . 8.40 -3.71 -33.08
BR BR I . 9.60 11.16 -7.43
BR BR J . -14.31 -7.03 -12.63
BR BR K . 9.37 4.16 -21.72
BR BR L . 16.10 -0.55 -20.50
BR BR M . -20.44 -1.68 -7.96
BR BR N . -9.69 -4.00 -3.76
BR BR O . 8.31 0.95 -26.30
BR BR P . 11.56 -21.14 -8.46
BR BR Q . -15.92 3.76 -25.76
BR BR R . -1.67 15.00 -28.72
BR BR S . 14.17 2.38 3.61
BR BR T . 13.58 -0.53 3.05
BR BR U . 2.34 4.99 -3.80
BR BR V . -6.54 4.60 5.21
BR BR W . 19.33 -1.19 25.87
BR BR X . 11.94 -9.32 20.94
BR BR Y . 2.14 -3.82 2.09
BR BR Z . 13.80 8.98 -0.66
BR BR AA . -15.92 14.95 16.01
BR BR BA . 5.61 20.45 0.80
BR BR CA . -2.99 -8.06 18.37
BR BR DA . 12.35 14.69 14.18
BR BR EA . -0.84 11.60 -7.67
BR BR FA . 12.05 16.36 -0.12
BR BR GA . -3.11 -6.81 7.59
BR BR HA . -21.19 1.89 -1.27
BR BR IA . 10.34 19.18 5.34
BR BR JA . -10.78 21.43 15.04
BR BR KA . 0.01 -10.88 31.09
BR BR LA . 19.80 2.72 18.50
BR BR MA . 5.63 6.45 32.80
BR BR NA . -11.41 24.22 25.84
BR BR OA . -7.25 5.45 29.15
BR BR PA . 0.25 -6.27 36.02
#